data_3GE7
#
_entry.id   3GE7
#
_cell.length_a   91.200
_cell.length_b   65.200
_cell.length_c   70.500
_cell.angle_alpha   90.00
_cell.angle_beta   96.10
_cell.angle_gamma   90.00
#
_symmetry.space_group_name_H-M   'C 1 2 1'
#
loop_
_entity.id
_entity.type
_entity.pdbx_description
1 polymer 'Queuine tRNA-ribosyltransferase'
2 non-polymer 'ZINC ION'
3 non-polymer 6-amino-4-{2-[(cyclopentylmethyl)amino]ethyl}-2-(methylamino)-1,7-dihydro-8H-imidazo[4,5-g]quinazolin-8-one
4 non-polymer GLYCEROL
5 water water
#
_entity_poly.entity_id   1
_entity_poly.type   'polypeptide(L)'
_entity_poly.pdbx_seq_one_letter_code
;MVEATAQETDRPRFSFSIAAREGKARTGTIEMKRGVIRTPAFMPVGTAATVKALKPETVRATGADIILGNTYHLMLRPGA
ERIAKLGGLHSFMGWDRPILTDSGGYQVMSLSSLTKQSEEGVTFKSHLDGSRHMLSPERSIEIQHLLGSDIVMAFDECTP
YPATPSRAASSMERSMRWAKRSRDAFDSRKEQAENAALFGIQQGSVFENLRQQSADALAEIGFDGYAVGGLAVGEGQDEM
FRVLDFSVPMLPDDKPHYLMGVGKPDDIVGAVERGIDMFDCVLPTRSGRNGQAFTWDGPINIRNARFSEDLKPLDSECHC
AVCQKWSRAYIHHLIRAGEILGAMLMTEHNIAFYQQLMQKIRDSISEGRFSQFAQDFRARYFARNS
;
_entity_poly.pdbx_strand_id   A
#
loop_
_chem_comp.id
_chem_comp.type
_chem_comp.name
_chem_comp.formula
AFQ non-polymer 6-amino-4-{2-[(cyclopentylmethyl)amino]ethyl}-2-(methylamino)-1,7-dihydro-8H-imidazo[4,5-g]quinazolin-8-one 'C18 H25 N7 O'
GOL non-polymer GLYCEROL 'C3 H8 O3'
ZN non-polymer 'ZINC ION' 'Zn 2'
#
# COMPACT_ATOMS: atom_id res chain seq x y z
N ARG A 11 -15.07 -18.51 3.36
CA ARG A 11 -14.97 -17.09 3.60
C ARG A 11 -15.97 -16.30 2.74
N PRO A 12 -16.34 -15.16 3.28
CA PRO A 12 -17.12 -14.13 2.59
C PRO A 12 -16.34 -13.37 1.53
N ARG A 13 -17.12 -12.71 0.68
CA ARG A 13 -16.51 -11.82 -0.30
C ARG A 13 -15.68 -10.76 0.42
N PHE A 14 -16.21 -10.19 1.48
CA PHE A 14 -15.58 -9.12 2.23
C PHE A 14 -16.23 -8.93 3.61
N SER A 15 -15.40 -9.04 4.66
CA SER A 15 -15.83 -8.74 6.02
C SER A 15 -14.70 -8.11 6.81
N PHE A 16 -14.85 -6.89 7.26
CA PHE A 16 -13.84 -6.23 8.10
C PHE A 16 -14.33 -6.24 9.55
N SER A 17 -13.53 -6.76 10.43
CA SER A 17 -13.82 -6.93 11.85
CA SER A 17 -13.90 -6.81 11.85
C SER A 17 -12.78 -6.18 12.67
N ILE A 18 -13.17 -5.29 13.55
CA ILE A 18 -12.22 -4.62 14.44
C ILE A 18 -12.18 -5.39 15.74
N ALA A 19 -11.04 -5.93 16.13
CA ALA A 19 -10.91 -6.74 17.35
C ALA A 19 -10.44 -5.94 18.54
N ALA A 20 -9.76 -4.84 18.35
CA ALA A 20 -9.25 -4.02 19.44
C ALA A 20 -8.95 -2.63 18.96
N ARG A 21 -9.04 -1.69 19.88
CA ARG A 21 -8.84 -0.28 19.63
CA ARG A 21 -8.81 -0.29 19.64
C ARG A 21 -7.99 0.38 20.72
N GLU A 22 -7.31 1.45 20.32
CA GLU A 22 -6.54 2.28 21.22
C GLU A 22 -6.48 3.69 20.66
N GLY A 23 -7.23 4.61 21.28
CA GLY A 23 -7.37 5.93 20.67
C GLY A 23 -8.06 5.80 19.31
N LYS A 24 -7.41 6.40 18.31
CA LYS A 24 -7.91 6.27 16.95
C LYS A 24 -7.37 5.01 16.26
N ALA A 25 -6.42 4.29 16.86
CA ALA A 25 -5.82 3.11 16.23
C ALA A 25 -6.75 1.90 16.35
N ARG A 26 -6.78 1.03 15.36
CA ARG A 26 -7.56 -0.17 15.35
C ARG A 26 -6.73 -1.36 14.90
N THR A 27 -7.04 -2.55 15.37
CA THR A 27 -6.46 -3.78 14.83
C THR A 27 -7.60 -4.76 14.63
N GLY A 28 -7.47 -5.53 13.55
CA GLY A 28 -8.49 -6.49 13.18
C GLY A 28 -8.15 -7.28 11.95
N THR A 29 -9.18 -7.66 11.20
CA THR A 29 -9.01 -8.56 10.08
C THR A 29 -9.98 -8.21 8.96
N ILE A 30 -9.50 -8.35 7.73
CA ILE A 30 -10.36 -8.39 6.54
C ILE A 30 -10.36 -9.82 6.02
N GLU A 31 -11.56 -10.41 6.01
CA GLU A 31 -11.72 -11.72 5.41
C GLU A 31 -12.27 -11.60 3.99
N MET A 32 -11.60 -12.26 3.07
CA MET A 32 -11.92 -12.32 1.65
C MET A 32 -11.88 -13.77 1.16
N LYS A 33 -12.40 -14.01 -0.03
CA LYS A 33 -12.36 -15.40 -0.49
C LYS A 33 -10.98 -15.99 -0.56
N ARG A 34 -9.96 -15.22 -1.01
CA ARG A 34 -8.61 -15.79 -1.14
CA ARG A 34 -8.61 -15.78 -1.15
C ARG A 34 -7.75 -15.74 0.12
N GLY A 35 -8.31 -15.22 1.22
CA GLY A 35 -7.56 -15.17 2.45
C GLY A 35 -7.92 -14.06 3.42
N VAL A 36 -7.26 -14.11 4.56
CA VAL A 36 -7.43 -13.14 5.62
C VAL A 36 -6.28 -12.16 5.65
N ILE A 37 -6.55 -10.89 5.83
CA ILE A 37 -5.62 -9.77 5.89
C ILE A 37 -5.66 -9.20 7.29
N ARG A 38 -4.58 -9.27 8.02
CA ARG A 38 -4.38 -8.71 9.35
C ARG A 38 -4.17 -7.21 9.25
N THR A 39 -4.90 -6.43 10.04
CA THR A 39 -4.78 -5.01 9.97
C THR A 39 -4.31 -4.40 11.32
N PRO A 40 -3.53 -3.35 11.35
CA PRO A 40 -2.99 -2.64 10.16
C PRO A 40 -2.02 -3.49 9.33
N ALA A 41 -2.17 -3.38 8.00
CA ALA A 41 -1.51 -4.15 6.98
C ALA A 41 -0.54 -3.29 6.16
N PHE A 42 0.60 -3.89 5.85
CA PHE A 42 1.51 -3.33 4.84
C PHE A 42 1.44 -4.26 3.63
N MET A 43 1.20 -3.70 2.47
CA MET A 43 1.07 -4.39 1.19
CA MET A 43 1.06 -4.41 1.20
C MET A 43 2.28 -4.18 0.32
N PRO A 44 3.17 -5.16 0.13
CA PRO A 44 4.29 -5.00 -0.80
C PRO A 44 3.78 -4.74 -2.21
N VAL A 45 4.57 -3.96 -2.95
CA VAL A 45 4.12 -3.55 -4.27
C VAL A 45 4.79 -4.33 -5.39
N GLY A 46 3.93 -4.85 -6.29
N GLY A 46 4.00 -4.87 -6.33
CA GLY A 46 4.64 -5.37 -7.45
CA GLY A 46 4.60 -5.61 -7.43
C GLY A 46 4.85 -4.29 -8.47
C GLY A 46 4.43 -4.89 -8.77
N THR A 47 5.53 -4.72 -9.51
CA THR A 47 5.38 -3.94 -10.77
C THR A 47 5.59 -5.00 -11.84
N ALA A 48 4.77 -4.98 -12.87
CA ALA A 48 4.96 -5.98 -13.91
C ALA A 48 4.81 -7.41 -13.38
N ALA A 49 3.81 -7.63 -12.52
CA ALA A 49 3.45 -8.96 -12.07
C ALA A 49 4.60 -9.66 -11.33
N THR A 50 5.34 -8.88 -10.57
CA THR A 50 6.29 -9.48 -9.62
C THR A 50 6.62 -8.49 -8.52
N VAL A 51 6.83 -8.96 -7.29
CA VAL A 51 7.41 -8.16 -6.20
C VAL A 51 8.91 -8.23 -6.42
N LYS A 52 9.59 -7.15 -6.76
CA LYS A 52 10.90 -7.19 -7.43
C LYS A 52 11.86 -8.00 -6.59
N ALA A 53 12.52 -8.96 -7.23
CA ALA A 53 13.55 -9.79 -6.65
C ALA A 53 13.08 -10.82 -5.66
N LEU A 54 11.79 -11.09 -5.51
CA LEU A 54 11.29 -12.12 -4.64
C LEU A 54 10.30 -13.09 -5.31
N LYS A 55 10.48 -14.38 -5.08
CA LYS A 55 9.43 -15.36 -5.37
C LYS A 55 8.23 -15.07 -4.49
N PRO A 56 7.02 -15.34 -4.95
CA PRO A 56 5.86 -15.21 -4.08
C PRO A 56 5.97 -15.95 -2.76
N GLU A 57 6.56 -17.13 -2.75
CA GLU A 57 6.66 -17.86 -1.48
C GLU A 57 7.52 -17.08 -0.50
N THR A 58 8.52 -16.31 -0.93
CA THR A 58 9.37 -15.49 -0.08
C THR A 58 8.59 -14.30 0.43
N VAL A 59 7.80 -13.69 -0.46
CA VAL A 59 6.93 -12.60 0.01
C VAL A 59 6.01 -13.12 1.11
N ARG A 60 5.42 -14.29 0.93
CA ARG A 60 4.53 -14.82 1.98
C ARG A 60 5.33 -15.12 3.24
N ALA A 61 6.51 -15.66 3.14
CA ALA A 61 7.30 -16.03 4.32
C ALA A 61 7.65 -14.79 5.14
N THR A 62 7.70 -13.62 4.54
CA THR A 62 7.96 -12.41 5.32
C THR A 62 6.77 -11.98 6.19
N GLY A 63 5.61 -12.52 5.89
CA GLY A 63 4.38 -12.25 6.60
C GLY A 63 3.33 -11.49 5.83
N ALA A 64 3.57 -11.13 4.60
CA ALA A 64 2.57 -10.41 3.82
C ALA A 64 1.32 -11.25 3.60
N ASP A 65 0.16 -10.61 3.76
CA ASP A 65 -1.14 -11.23 3.57
C ASP A 65 -1.80 -10.87 2.24
N ILE A 66 -1.34 -9.81 1.63
CA ILE A 66 -1.82 -9.21 0.38
C ILE A 66 -0.71 -8.40 -0.20
N ILE A 67 -0.72 -8.32 -1.52
CA ILE A 67 0.20 -7.52 -2.33
C ILE A 67 -0.57 -6.60 -3.25
N LEU A 68 0.11 -5.53 -3.72
CA LEU A 68 -0.48 -4.66 -4.71
C LEU A 68 -0.02 -5.03 -6.11
N GLY A 69 -0.91 -5.05 -7.06
CA GLY A 69 -0.55 -5.23 -8.45
C GLY A 69 -0.56 -3.85 -9.07
N ASN A 70 0.28 -3.68 -10.06
CA ASN A 70 0.57 -2.51 -10.84
C ASN A 70 -0.18 -2.39 -12.14
N THR A 71 -1.38 -1.83 -12.10
CA THR A 71 -2.28 -1.80 -13.24
C THR A 71 -1.67 -1.16 -14.48
N TYR A 72 -1.07 -0.02 -14.24
CA TYR A 72 -0.51 0.77 -15.36
C TYR A 72 0.46 -0.02 -16.19
N HIS A 73 1.43 -0.62 -15.51
CA HIS A 73 2.40 -1.41 -16.21
C HIS A 73 1.72 -2.58 -16.91
N LEU A 74 0.85 -3.30 -16.18
CA LEU A 74 0.33 -4.54 -16.78
C LEU A 74 -0.57 -4.29 -17.97
N MET A 75 -1.26 -3.15 -17.98
CA MET A 75 -2.17 -2.88 -19.10
CA MET A 75 -2.17 -2.93 -19.10
C MET A 75 -1.35 -2.67 -20.36
N LEU A 76 -0.14 -2.20 -20.22
CA LEU A 76 0.84 -1.98 -21.28
C LEU A 76 1.58 -3.28 -21.51
N ARG A 77 2.12 -3.88 -20.43
CA ARG A 77 2.82 -5.15 -20.68
C ARG A 77 2.66 -6.08 -19.48
N PRO A 78 2.07 -7.26 -19.69
CA PRO A 78 1.74 -7.84 -20.98
C PRO A 78 0.40 -7.54 -21.64
N GLY A 79 -0.46 -6.72 -21.07
CA GLY A 79 -1.82 -6.55 -21.52
C GLY A 79 -2.82 -7.26 -20.60
N ALA A 80 -3.91 -6.57 -20.31
CA ALA A 80 -4.87 -7.07 -19.36
C ALA A 80 -5.64 -8.24 -19.97
N GLU A 81 -5.97 -8.12 -21.24
CA GLU A 81 -6.70 -9.21 -21.89
C GLU A 81 -5.83 -10.46 -22.00
N ARG A 82 -4.53 -10.31 -22.29
CA ARG A 82 -3.61 -11.44 -22.32
C ARG A 82 -3.52 -12.12 -20.97
N ILE A 83 -3.38 -11.29 -19.90
CA ILE A 83 -3.35 -11.90 -18.56
C ILE A 83 -4.64 -12.69 -18.29
N ALA A 84 -5.80 -12.12 -18.67
CA ALA A 84 -7.04 -12.88 -18.47
C ALA A 84 -7.07 -14.19 -19.26
N LYS A 85 -6.59 -14.15 -20.50
CA LYS A 85 -6.47 -15.33 -21.33
C LYS A 85 -5.63 -16.41 -20.65
N LEU A 86 -4.56 -15.93 -19.97
CA LEU A 86 -3.63 -16.84 -19.30
C LEU A 86 -4.14 -17.30 -17.95
N GLY A 87 -5.31 -16.84 -17.47
CA GLY A 87 -5.82 -17.38 -16.24
C GLY A 87 -5.88 -16.35 -15.13
N GLY A 88 -5.45 -15.15 -15.43
CA GLY A 88 -5.55 -14.08 -14.42
C GLY A 88 -4.22 -13.86 -13.70
N LEU A 89 -4.09 -12.73 -13.01
CA LEU A 89 -2.81 -12.38 -12.41
C LEU A 89 -2.37 -13.35 -11.34
N HIS A 90 -3.29 -13.87 -10.52
CA HIS A 90 -2.87 -14.78 -9.43
C HIS A 90 -2.14 -15.99 -9.96
N SER A 91 -2.76 -16.61 -10.97
CA SER A 91 -2.14 -17.78 -11.59
C SER A 91 -0.86 -17.45 -12.33
N PHE A 92 -0.88 -16.35 -13.05
CA PHE A 92 0.26 -15.90 -13.85
C PHE A 92 1.51 -15.79 -13.01
N MET A 93 1.37 -15.03 -11.89
CA MET A 93 2.55 -14.79 -11.05
C MET A 93 2.72 -15.74 -9.92
N GLY A 94 1.79 -16.65 -9.64
CA GLY A 94 1.94 -17.58 -8.56
C GLY A 94 1.68 -17.09 -7.16
N TRP A 95 0.81 -16.10 -6.99
CA TRP A 95 0.36 -15.58 -5.70
C TRP A 95 -1.12 -15.86 -5.60
N ASP A 96 -1.51 -16.70 -4.65
CA ASP A 96 -2.88 -17.14 -4.58
C ASP A 96 -3.71 -16.45 -3.49
N ARG A 97 -3.12 -15.48 -2.82
CA ARG A 97 -3.78 -14.73 -1.76
C ARG A 97 -4.36 -13.44 -2.33
N PRO A 98 -5.00 -12.60 -1.55
CA PRO A 98 -5.53 -11.36 -2.14
C PRO A 98 -4.52 -10.47 -2.80
N ILE A 99 -5.00 -9.76 -3.81
CA ILE A 99 -4.30 -8.72 -4.57
C ILE A 99 -5.17 -7.48 -4.60
N LEU A 100 -4.62 -6.33 -4.24
CA LEU A 100 -5.22 -5.02 -4.47
C LEU A 100 -4.62 -4.45 -5.75
N THR A 101 -5.45 -3.91 -6.65
CA THR A 101 -4.88 -3.22 -7.79
C THR A 101 -5.25 -1.72 -7.76
N ASP A 102 -4.29 -0.88 -8.10
CA ASP A 102 -4.62 0.56 -8.19
C ASP A 102 -5.34 0.73 -9.53
N SER A 103 -5.88 1.92 -9.74
CA SER A 103 -6.80 2.15 -10.87
C SER A 103 -6.04 2.57 -12.12
N GLY A 104 -4.76 2.87 -11.99
CA GLY A 104 -3.88 3.18 -13.09
C GLY A 104 -3.71 4.64 -13.41
N GLY A 105 -4.54 5.50 -12.81
CA GLY A 105 -4.43 6.89 -13.17
C GLY A 105 -3.36 7.70 -12.48
N TYR A 106 -2.94 7.36 -11.27
CA TYR A 106 -1.88 8.08 -10.56
C TYR A 106 -0.58 7.97 -11.35
N GLN A 107 -0.34 6.78 -11.88
CA GLN A 107 0.88 6.51 -12.64
C GLN A 107 0.78 7.03 -14.07
N VAL A 108 -0.44 7.05 -14.63
CA VAL A 108 -0.55 7.77 -15.90
C VAL A 108 -0.20 9.22 -15.62
N MET A 109 -0.86 9.82 -14.64
CA MET A 109 -0.47 11.20 -14.31
C MET A 109 0.99 11.25 -13.88
N THR A 115 -1.73 12.86 -20.40
CA THR A 115 -1.53 13.51 -21.70
C THR A 115 -2.76 14.31 -22.12
N LYS A 116 -3.88 13.67 -22.42
CA LYS A 116 -5.14 14.32 -22.75
C LYS A 116 -6.22 13.99 -21.71
N GLN A 117 -6.50 14.91 -20.81
CA GLN A 117 -7.41 14.75 -19.70
C GLN A 117 -8.77 15.34 -20.05
N SER A 118 -9.85 14.60 -19.81
CA SER A 118 -11.20 15.11 -20.02
C SER A 118 -12.16 14.44 -19.04
N GLU A 119 -13.45 14.75 -19.10
CA GLU A 119 -14.42 14.21 -18.19
C GLU A 119 -14.61 12.71 -18.39
N GLU A 120 -14.34 12.23 -19.59
CA GLU A 120 -14.48 10.83 -19.96
C GLU A 120 -13.34 10.03 -19.36
N GLY A 121 -12.17 10.59 -19.18
CA GLY A 121 -11.03 9.89 -18.61
C GLY A 121 -9.72 10.42 -19.12
N VAL A 122 -8.77 9.55 -19.47
CA VAL A 122 -7.51 10.07 -20.03
C VAL A 122 -6.96 9.18 -21.13
N THR A 123 -6.34 9.87 -22.09
CA THR A 123 -5.54 9.27 -23.13
C THR A 123 -4.08 9.65 -22.94
N PHE A 124 -3.23 8.69 -23.26
CA PHE A 124 -1.81 8.87 -22.95
C PHE A 124 -0.94 7.97 -23.83
N MET A 134 -5.40 4.51 -23.16
CA MET A 134 -6.57 5.23 -22.66
C MET A 134 -7.20 4.54 -21.46
N LEU A 135 -7.81 5.44 -20.68
CA LEU A 135 -8.29 5.02 -19.37
C LEU A 135 -9.46 5.90 -18.93
N SER A 136 -10.52 5.26 -18.51
CA SER A 136 -11.71 5.91 -17.97
C SER A 136 -12.15 5.12 -16.76
N PRO A 137 -13.07 5.59 -15.95
CA PRO A 137 -13.59 4.79 -14.86
C PRO A 137 -14.00 3.40 -15.33
N GLU A 138 -14.76 3.30 -16.41
CA GLU A 138 -15.24 2.00 -16.88
C GLU A 138 -14.13 1.07 -17.30
N ARG A 139 -13.14 1.50 -18.00
CA ARG A 139 -12.05 0.74 -18.58
C ARG A 139 -11.11 0.35 -17.44
N SER A 140 -10.89 1.25 -16.49
CA SER A 140 -10.06 0.90 -15.31
C SER A 140 -10.66 -0.27 -14.55
N ILE A 141 -11.98 -0.21 -14.30
CA ILE A 141 -12.68 -1.26 -13.55
C ILE A 141 -12.60 -2.56 -14.38
N GLU A 142 -12.75 -2.46 -15.69
CA GLU A 142 -12.69 -3.66 -16.53
C GLU A 142 -11.30 -4.27 -16.57
N ILE A 143 -10.26 -3.46 -16.65
CA ILE A 143 -8.87 -3.94 -16.59
C ILE A 143 -8.64 -4.65 -15.25
N GLN A 144 -9.06 -4.04 -14.14
CA GLN A 144 -8.87 -4.71 -12.83
C GLN A 144 -9.61 -6.01 -12.77
N HIS A 145 -10.79 -6.14 -13.41
CA HIS A 145 -11.55 -7.39 -13.53
C HIS A 145 -10.77 -8.44 -14.32
N LEU A 146 -10.18 -8.04 -15.44
CA LEU A 146 -9.41 -8.91 -16.32
C LEU A 146 -8.19 -9.45 -15.57
N LEU A 147 -7.59 -8.62 -14.73
CA LEU A 147 -6.46 -9.05 -13.91
C LEU A 147 -6.91 -9.99 -12.82
N GLY A 148 -8.18 -9.95 -12.43
CA GLY A 148 -8.71 -10.78 -11.38
C GLY A 148 -8.41 -10.23 -10.00
N SER A 149 -8.33 -8.91 -9.83
CA SER A 149 -8.12 -8.20 -8.58
C SER A 149 -9.14 -8.56 -7.53
N ASP A 150 -8.72 -8.74 -6.27
CA ASP A 150 -9.62 -8.92 -5.16
C ASP A 150 -10.10 -7.61 -4.56
N ILE A 151 -9.24 -6.60 -4.43
CA ILE A 151 -9.63 -5.26 -4.01
C ILE A 151 -9.34 -4.30 -5.18
N VAL A 152 -10.40 -3.73 -5.71
CA VAL A 152 -10.45 -2.83 -6.86
C VAL A 152 -10.55 -1.43 -6.32
N MET A 153 -9.68 -0.51 -6.73
CA MET A 153 -9.73 0.90 -6.52
C MET A 153 -10.54 1.62 -7.59
N ALA A 154 -11.42 2.48 -7.14
CA ALA A 154 -12.09 3.41 -8.02
C ALA A 154 -11.04 4.24 -8.76
N PHE A 155 -11.43 4.65 -9.95
CA PHE A 155 -10.61 5.51 -10.80
C PHE A 155 -10.78 6.97 -10.43
N ASP A 156 -9.71 7.63 -10.10
CA ASP A 156 -9.75 8.99 -9.59
C ASP A 156 -8.77 9.89 -10.33
N GLU A 157 -8.81 11.20 -10.04
CA GLU A 157 -7.85 12.20 -10.52
C GLU A 157 -6.98 12.52 -9.31
N CYS A 158 -5.68 12.19 -9.29
CA CYS A 158 -4.90 12.59 -8.10
C CYS A 158 -4.66 14.09 -8.31
N THR A 159 -4.64 14.85 -7.24
CA THR A 159 -4.50 16.31 -7.31
C THR A 159 -3.06 16.69 -6.99
N PRO A 160 -2.37 17.42 -7.84
CA PRO A 160 -0.98 17.79 -7.53
C PRO A 160 -0.87 18.61 -6.26
N TYR A 161 0.31 18.59 -5.64
CA TYR A 161 0.57 19.41 -4.47
C TYR A 161 1.68 20.40 -4.82
N PRO A 162 1.54 21.67 -4.45
CA PRO A 162 0.35 22.26 -3.86
C PRO A 162 -0.72 22.51 -4.92
N ALA A 163 -1.94 22.69 -4.39
CA ALA A 163 -3.06 22.97 -5.29
C ALA A 163 -3.81 24.16 -4.76
N THR A 164 -4.24 25.04 -5.70
CA THR A 164 -5.12 26.08 -5.16
C THR A 164 -6.46 25.50 -4.74
N PRO A 165 -7.22 26.14 -3.89
CA PRO A 165 -8.51 25.58 -3.48
C PRO A 165 -9.45 25.37 -4.66
N SER A 166 -9.40 26.26 -5.66
CA SER A 166 -10.30 26.08 -6.80
C SER A 166 -10.08 24.80 -7.56
N ARG A 167 -8.84 24.52 -7.93
CA ARG A 167 -8.24 23.42 -8.61
C ARG A 167 -8.44 22.15 -7.76
N ALA A 168 -8.18 22.25 -6.47
CA ALA A 168 -8.43 21.09 -5.60
C ALA A 168 -9.87 20.66 -5.66
N ALA A 169 -10.79 21.64 -5.65
CA ALA A 169 -12.22 21.42 -5.59
C ALA A 169 -12.70 20.80 -6.90
N SER A 170 -12.30 21.40 -8.04
CA SER A 170 -12.63 20.83 -9.33
C SER A 170 -12.22 19.39 -9.54
N SER A 171 -10.98 19.09 -9.10
CA SER A 171 -10.43 17.77 -9.19
C SER A 171 -11.18 16.77 -8.32
N MET A 172 -11.47 17.24 -7.09
CA MET A 172 -12.19 16.37 -6.13
C MET A 172 -13.56 16.06 -6.68
N GLU A 173 -14.21 17.11 -7.21
CA GLU A 173 -15.56 16.91 -7.73
C GLU A 173 -15.58 15.95 -8.88
N ARG A 174 -14.59 16.03 -9.78
CA ARG A 174 -14.47 15.10 -10.90
C ARG A 174 -14.26 13.70 -10.31
N SER A 175 -13.35 13.64 -9.32
CA SER A 175 -13.07 12.31 -8.77
C SER A 175 -14.34 11.70 -8.21
N MET A 176 -15.22 12.51 -7.61
CA MET A 176 -16.42 11.90 -7.04
C MET A 176 -17.41 11.48 -8.12
N ARG A 177 -17.49 12.25 -9.20
CA ARG A 177 -18.27 11.78 -10.34
C ARG A 177 -17.71 10.45 -10.86
N TRP A 178 -16.40 10.33 -10.97
CA TRP A 178 -15.75 9.10 -11.44
C TRP A 178 -15.92 7.93 -10.43
N ALA A 179 -16.05 8.26 -9.17
CA ALA A 179 -16.31 7.26 -8.12
C ALA A 179 -17.66 6.60 -8.28
N LYS A 180 -18.70 7.37 -8.61
CA LYS A 180 -20.00 6.80 -8.92
C LYS A 180 -19.93 5.96 -10.18
N ARG A 181 -19.24 6.46 -11.21
CA ARG A 181 -19.06 5.67 -12.43
C ARG A 181 -18.34 4.34 -12.16
N SER A 182 -17.32 4.40 -11.31
CA SER A 182 -16.61 3.19 -10.91
C SER A 182 -17.53 2.21 -10.18
N ARG A 183 -18.29 2.71 -9.21
CA ARG A 183 -19.24 1.87 -8.50
C ARG A 183 -20.20 1.17 -9.43
N ASP A 184 -20.75 1.93 -10.39
CA ASP A 184 -21.76 1.34 -11.27
C ASP A 184 -21.11 0.36 -12.24
N ALA A 185 -19.89 0.64 -12.72
CA ALA A 185 -19.19 -0.29 -13.59
C ALA A 185 -18.92 -1.62 -12.86
N PHE A 186 -18.47 -1.56 -11.62
CA PHE A 186 -18.15 -2.74 -10.83
C PHE A 186 -19.40 -3.57 -10.59
N ASP A 187 -20.50 -2.92 -10.23
CA ASP A 187 -21.74 -3.59 -9.90
C ASP A 187 -22.40 -4.23 -11.14
N SER A 188 -22.11 -3.73 -12.32
CA SER A 188 -22.61 -4.16 -13.62
CA SER A 188 -22.78 -4.29 -13.50
C SER A 188 -22.08 -5.52 -14.04
N ARG A 189 -21.00 -5.93 -13.39
CA ARG A 189 -20.29 -7.12 -13.77
C ARG A 189 -20.52 -8.14 -12.67
N LYS A 190 -21.46 -9.06 -12.81
CA LYS A 190 -21.82 -9.90 -11.65
C LYS A 190 -20.68 -10.63 -11.00
N GLU A 191 -19.78 -11.17 -11.80
CA GLU A 191 -18.66 -11.96 -11.33
C GLU A 191 -17.77 -11.13 -10.42
N GLN A 192 -17.53 -9.92 -10.88
CA GLN A 192 -16.73 -8.98 -10.10
C GLN A 192 -17.40 -8.55 -8.81
N ALA A 193 -18.66 -8.17 -8.89
CA ALA A 193 -19.42 -7.72 -7.73
C ALA A 193 -19.55 -8.79 -6.65
N GLU A 194 -19.59 -10.05 -7.09
CA GLU A 194 -19.80 -11.14 -6.14
C GLU A 194 -18.52 -11.61 -5.47
N ASN A 195 -17.35 -11.39 -6.06
CA ASN A 195 -16.12 -11.97 -5.58
C ASN A 195 -15.00 -11.02 -5.16
N ALA A 196 -15.12 -9.78 -5.61
CA ALA A 196 -14.15 -8.73 -5.32
C ALA A 196 -14.80 -7.65 -4.43
N ALA A 197 -14.00 -6.74 -3.92
CA ALA A 197 -14.42 -5.57 -3.19
C ALA A 197 -14.01 -4.30 -3.90
N LEU A 198 -14.65 -3.19 -3.61
CA LEU A 198 -14.39 -1.91 -4.26
C LEU A 198 -14.11 -0.84 -3.21
N PHE A 199 -13.00 -0.13 -3.31
CA PHE A 199 -12.67 0.98 -2.41
C PHE A 199 -12.83 2.32 -3.12
N GLY A 200 -13.34 3.31 -2.43
CA GLY A 200 -13.38 4.66 -2.95
C GLY A 200 -12.21 5.46 -2.46
N ILE A 201 -11.84 6.55 -3.14
CA ILE A 201 -10.71 7.36 -2.72
C ILE A 201 -11.09 8.78 -2.40
N GLN A 202 -10.80 9.20 -1.18
CA GLN A 202 -11.07 10.57 -0.76
C GLN A 202 -9.97 11.45 -1.34
N GLN A 203 -10.26 12.53 -2.05
CA GLN A 203 -9.50 13.69 -2.43
C GLN A 203 -9.82 14.95 -1.66
N GLY A 204 -9.30 16.08 -2.14
CA GLY A 204 -9.46 17.36 -1.51
C GLY A 204 -8.21 18.08 -1.04
N SER A 205 -7.07 17.58 -1.45
CA SER A 205 -5.77 18.16 -1.11
C SER A 205 -5.68 18.33 0.40
N VAL A 206 -5.23 19.51 0.83
CA VAL A 206 -5.08 19.71 2.28
C VAL A 206 -6.22 20.47 2.90
N PHE A 207 -7.33 20.65 2.17
CA PHE A 207 -8.42 21.48 2.63
C PHE A 207 -9.51 20.73 3.34
N GLU A 208 -9.74 21.05 4.61
CA GLU A 208 -10.71 20.28 5.36
C GLU A 208 -12.12 20.25 4.77
N ASN A 209 -12.63 21.38 4.24
CA ASN A 209 -13.99 21.36 3.74
C ASN A 209 -14.11 20.45 2.53
N LEU A 210 -13.10 20.40 1.70
CA LEU A 210 -13.11 19.57 0.49
C LEU A 210 -12.97 18.08 0.86
N ARG A 211 -12.10 17.83 1.83
CA ARG A 211 -12.03 16.44 2.38
C ARG A 211 -13.37 16.00 2.93
N GLN A 212 -14.15 16.88 3.59
CA GLN A 212 -15.47 16.53 4.11
C GLN A 212 -16.47 16.28 3.01
N GLN A 213 -16.51 17.12 2.00
CA GLN A 213 -17.41 16.93 0.86
C GLN A 213 -17.13 15.59 0.18
N SER A 214 -15.83 15.35 0.06
CA SER A 214 -15.42 14.07 -0.51
C SER A 214 -15.84 12.85 0.28
N ALA A 215 -15.57 12.88 1.58
CA ALA A 215 -16.01 11.78 2.44
C ALA A 215 -17.50 11.55 2.33
N ASP A 216 -18.26 12.64 2.40
CA ASP A 216 -19.71 12.55 2.31
C ASP A 216 -20.17 11.98 0.97
N ALA A 217 -19.59 12.42 -0.12
CA ALA A 217 -19.95 11.87 -1.41
C ALA A 217 -19.64 10.37 -1.49
N LEU A 218 -18.47 9.97 -0.98
CA LEU A 218 -18.15 8.55 -1.06
C LEU A 218 -19.06 7.70 -0.17
N ALA A 219 -19.39 8.21 1.00
CA ALA A 219 -20.25 7.46 1.92
C ALA A 219 -21.65 7.29 1.34
N GLU A 220 -22.14 8.29 0.60
CA GLU A 220 -23.47 8.25 -0.01
C GLU A 220 -23.50 7.17 -1.07
N ILE A 221 -22.40 7.07 -1.82
CA ILE A 221 -22.29 6.04 -2.86
C ILE A 221 -22.15 4.67 -2.23
N GLY A 222 -21.26 4.54 -1.25
CA GLY A 222 -21.03 3.35 -0.48
C GLY A 222 -19.97 2.47 -1.11
N PHE A 223 -18.95 2.20 -0.31
CA PHE A 223 -17.81 1.37 -0.71
C PHE A 223 -17.46 0.36 0.37
N ASP A 224 -16.67 -0.65 -0.01
CA ASP A 224 -16.24 -1.62 0.98
C ASP A 224 -15.11 -1.10 1.85
N GLY A 225 -14.39 -0.08 1.40
CA GLY A 225 -13.29 0.53 2.14
C GLY A 225 -13.01 1.89 1.54
N TYR A 226 -12.29 2.72 2.28
CA TYR A 226 -12.07 4.11 1.91
C TYR A 226 -10.61 4.43 1.97
N ALA A 227 -10.05 4.86 0.84
CA ALA A 227 -8.68 5.31 0.83
C ALA A 227 -8.60 6.81 1.04
N VAL A 228 -7.52 7.25 1.65
CA VAL A 228 -7.12 8.62 1.70
C VAL A 228 -6.11 8.86 0.57
N GLY A 229 -6.56 9.55 -0.46
CA GLY A 229 -5.74 9.84 -1.60
C GLY A 229 -5.09 11.20 -1.51
N GLY A 230 -4.17 11.45 -2.46
CA GLY A 230 -3.69 12.83 -2.54
C GLY A 230 -2.66 13.23 -1.50
N LEU A 231 -2.15 12.33 -0.69
CA LEU A 231 -1.09 12.60 0.26
C LEU A 231 0.16 11.86 -0.14
N ALA A 232 1.21 12.08 0.61
CA ALA A 232 2.53 11.62 0.13
C ALA A 232 2.82 12.05 -1.28
N VAL A 233 2.64 13.34 -1.58
CA VAL A 233 2.90 13.85 -2.92
C VAL A 233 3.80 15.09 -2.86
N GLY A 234 4.50 15.25 -1.75
CA GLY A 234 5.39 16.33 -1.50
C GLY A 234 5.08 17.25 -0.34
N GLU A 235 4.08 16.98 0.49
CA GLU A 235 3.69 17.92 1.53
C GLU A 235 4.50 17.78 2.80
N GLY A 236 5.19 16.66 2.99
CA GLY A 236 5.96 16.50 4.21
C GLY A 236 5.14 15.90 5.34
N GLN A 237 5.83 15.24 6.28
CA GLN A 237 5.11 14.49 7.32
C GLN A 237 4.23 15.34 8.19
N ASP A 238 4.69 16.54 8.59
CA ASP A 238 3.88 17.33 9.49
C ASP A 238 2.50 17.69 8.89
N GLU A 239 2.56 18.04 7.60
CA GLU A 239 1.36 18.42 6.87
C GLU A 239 0.50 17.19 6.57
N MET A 240 1.20 16.09 6.26
CA MET A 240 0.41 14.86 6.03
C MET A 240 -0.38 14.47 7.28
N PHE A 241 0.27 14.46 8.44
CA PHE A 241 -0.37 14.18 9.71
C PHE A 241 -1.48 15.16 10.07
N ARG A 242 -1.29 16.47 9.81
CA ARG A 242 -2.35 17.45 10.05
C ARG A 242 -3.59 17.18 9.22
N VAL A 243 -3.39 16.82 7.94
CA VAL A 243 -4.56 16.48 7.14
C VAL A 243 -5.22 15.18 7.58
N LEU A 244 -4.40 14.17 7.92
CA LEU A 244 -5.01 12.95 8.47
C LEU A 244 -5.80 13.19 9.74
N ASP A 245 -5.30 14.08 10.60
CA ASP A 245 -6.01 14.36 11.84
C ASP A 245 -7.49 14.66 11.66
N PHE A 246 -7.84 15.48 10.66
CA PHE A 246 -9.25 15.77 10.43
C PHE A 246 -9.88 14.86 9.38
N SER A 247 -9.07 14.26 8.49
CA SER A 247 -9.64 13.55 7.35
C SER A 247 -10.10 12.14 7.69
N VAL A 248 -9.31 11.39 8.45
CA VAL A 248 -9.70 10.02 8.71
C VAL A 248 -10.99 9.93 9.50
N PRO A 249 -11.28 10.73 10.52
CA PRO A 249 -12.57 10.67 11.20
C PRO A 249 -13.77 10.89 10.31
N MET A 250 -13.60 11.53 9.15
CA MET A 250 -14.70 11.74 8.24
C MET A 250 -15.19 10.51 7.52
N LEU A 251 -14.34 9.50 7.44
CA LEU A 251 -14.65 8.29 6.75
C LEU A 251 -15.47 7.36 7.63
N PRO A 252 -16.25 6.47 7.10
CA PRO A 252 -16.98 5.53 7.95
C PRO A 252 -16.04 4.72 8.83
N ASP A 253 -16.36 4.71 10.13
CA ASP A 253 -15.50 4.07 11.12
C ASP A 253 -15.44 2.58 10.90
N ASP A 254 -16.49 1.95 10.42
CA ASP A 254 -16.58 0.50 10.37
C ASP A 254 -16.07 -0.11 9.10
N LYS A 255 -15.38 0.69 8.29
CA LYS A 255 -14.74 0.16 7.08
C LYS A 255 -13.25 0.45 7.09
N PRO A 256 -12.46 -0.33 6.38
CA PRO A 256 -11.01 -0.05 6.41
C PRO A 256 -10.65 1.30 5.77
N HIS A 257 -9.56 1.88 6.28
CA HIS A 257 -8.99 3.17 5.93
C HIS A 257 -7.60 2.92 5.32
N TYR A 258 -7.40 3.21 4.06
CA TYR A 258 -6.19 2.90 3.27
C TYR A 258 -5.47 4.20 2.94
N LEU A 259 -4.24 4.37 3.44
CA LEU A 259 -3.40 5.51 3.06
C LEU A 259 -2.49 5.12 1.92
N MET A 260 -2.81 5.63 0.73
CA MET A 260 -2.12 5.21 -0.47
C MET A 260 -0.70 5.79 -0.55
N GLY A 261 0.27 4.94 -0.79
CA GLY A 261 1.61 5.37 -1.10
C GLY A 261 2.47 5.73 0.11
N VAL A 262 1.99 5.41 1.30
CA VAL A 262 2.75 5.67 2.52
C VAL A 262 3.24 4.37 3.13
N GLY A 263 4.44 4.20 3.59
CA GLY A 263 5.53 5.14 3.52
C GLY A 263 6.66 4.70 4.45
N LYS A 264 7.41 5.66 4.95
CA LYS A 264 8.53 5.35 5.82
C LYS A 264 7.99 4.78 7.13
N PRO A 265 8.77 3.99 7.87
CA PRO A 265 8.32 3.40 9.14
C PRO A 265 7.63 4.39 10.05
N ASP A 266 8.24 5.56 10.18
N ASP A 266 8.19 5.59 10.28
CA ASP A 266 7.72 6.56 11.11
CA ASP A 266 7.57 6.53 11.22
C ASP A 266 6.40 7.18 10.64
C ASP A 266 6.27 7.12 10.66
N ASP A 267 6.21 7.22 9.32
CA ASP A 267 4.98 7.68 8.70
C ASP A 267 3.86 6.67 9.00
N ILE A 268 4.19 5.38 8.93
CA ILE A 268 3.22 4.30 9.14
C ILE A 268 2.74 4.37 10.58
N VAL A 269 3.66 4.48 11.56
CA VAL A 269 3.31 4.51 12.95
C VAL A 269 2.38 5.68 13.24
N GLY A 270 2.74 6.88 12.75
CA GLY A 270 1.84 8.00 13.06
C GLY A 270 0.52 7.95 12.34
N ALA A 271 0.54 7.36 11.13
CA ALA A 271 -0.73 7.19 10.44
C ALA A 271 -1.64 6.17 11.13
N VAL A 272 -1.10 5.10 11.69
CA VAL A 272 -1.96 4.19 12.46
C VAL A 272 -2.52 4.91 13.70
N GLU A 273 -1.70 5.75 14.35
CA GLU A 273 -2.15 6.56 15.47
C GLU A 273 -3.31 7.45 15.08
N ARG A 274 -3.51 7.73 13.80
CA ARG A 274 -4.59 8.56 13.30
C ARG A 274 -5.68 7.79 12.60
N GLY A 275 -5.73 6.45 12.67
CA GLY A 275 -6.81 5.66 12.21
C GLY A 275 -6.68 4.92 10.89
N ILE A 276 -5.47 4.82 10.34
CA ILE A 276 -5.22 4.10 9.08
C ILE A 276 -4.96 2.62 9.36
N ASP A 277 -5.56 1.81 8.47
CA ASP A 277 -5.54 0.38 8.52
C ASP A 277 -4.68 -0.35 7.47
N MET A 278 -4.37 0.31 6.37
CA MET A 278 -3.69 -0.28 5.25
C MET A 278 -2.75 0.70 4.59
N PHE A 279 -1.67 0.16 4.09
CA PHE A 279 -0.52 0.89 3.59
C PHE A 279 0.09 0.16 2.40
N ASP A 280 0.62 0.93 1.44
CA ASP A 280 1.47 0.39 0.39
C ASP A 280 2.56 1.39 0.11
N CYS A 281 3.75 0.86 -0.28
CA CYS A 281 4.83 1.75 -0.67
CA CYS A 281 4.71 1.78 -0.87
C CYS A 281 5.89 1.02 -1.45
N VAL A 282 6.54 1.67 -2.39
CA VAL A 282 7.70 1.02 -3.03
C VAL A 282 8.98 1.21 -2.21
N LEU A 283 9.01 2.01 -1.15
CA LEU A 283 10.22 2.32 -0.40
C LEU A 283 11.01 1.07 -0.04
N PRO A 284 10.45 0.06 0.61
CA PRO A 284 11.28 -1.09 1.00
C PRO A 284 11.87 -1.85 -0.17
N THR A 285 11.18 -1.96 -1.30
CA THR A 285 11.73 -2.73 -2.42
C THR A 285 12.72 -1.92 -3.23
N ARG A 286 12.28 -0.74 -3.67
CA ARG A 286 13.15 0.15 -4.42
C ARG A 286 14.38 0.59 -3.67
N SER A 287 14.21 1.08 -2.44
CA SER A 287 15.41 1.55 -1.74
C SER A 287 16.26 0.35 -1.33
N GLY A 288 15.70 -0.83 -1.09
CA GLY A 288 16.53 -1.99 -0.80
C GLY A 288 17.51 -2.24 -1.93
N ARG A 289 16.99 -2.18 -3.16
CA ARG A 289 17.87 -2.45 -4.30
C ARG A 289 18.95 -1.37 -4.44
N ASN A 290 18.77 -0.20 -3.85
CA ASN A 290 19.69 0.91 -3.83
C ASN A 290 20.65 0.95 -2.64
N GLY A 291 20.54 -0.04 -1.78
CA GLY A 291 21.42 -0.11 -0.64
C GLY A 291 20.91 0.26 0.71
N GLN A 292 19.68 0.81 0.78
CA GLN A 292 19.10 1.23 2.04
C GLN A 292 18.40 0.05 2.77
N ALA A 293 18.86 -0.23 3.99
CA ALA A 293 18.31 -1.27 4.84
C ALA A 293 17.61 -0.64 6.04
N PHE A 294 16.36 -1.04 6.31
CA PHE A 294 15.71 -0.61 7.53
C PHE A 294 16.16 -1.40 8.73
N THR A 295 16.38 -0.73 9.88
CA THR A 295 16.74 -1.35 11.15
C THR A 295 16.00 -0.64 12.30
N TRP A 296 15.90 -1.28 13.46
CA TRP A 296 15.18 -0.65 14.57
C TRP A 296 15.89 0.59 15.08
N ASP A 297 17.17 0.71 14.80
CA ASP A 297 17.98 1.91 15.02
C ASP A 297 18.06 2.90 13.88
N GLY A 298 17.17 2.90 12.90
CA GLY A 298 17.09 3.75 11.75
C GLY A 298 17.68 3.12 10.50
N PRO A 299 17.48 3.73 9.35
CA PRO A 299 17.97 3.17 8.09
C PRO A 299 19.51 3.24 8.05
N ILE A 300 20.09 2.30 7.30
CA ILE A 300 21.53 2.33 7.04
C ILE A 300 21.74 2.22 5.54
N ASN A 301 22.84 2.74 5.01
CA ASN A 301 23.14 2.47 3.61
C ASN A 301 24.30 1.48 3.57
N ILE A 302 23.97 0.25 3.18
CA ILE A 302 24.91 -0.86 3.23
C ILE A 302 26.12 -0.67 2.32
N ARG A 303 26.05 0.20 1.33
CA ARG A 303 27.20 0.49 0.47
CA ARG A 303 27.17 0.53 0.44
C ARG A 303 28.29 1.23 1.23
N ASN A 304 27.98 1.85 2.36
CA ASN A 304 28.99 2.63 3.11
C ASN A 304 30.17 1.77 3.53
N ALA A 305 31.37 2.33 3.37
CA ALA A 305 32.62 1.60 3.60
C ALA A 305 32.70 1.07 5.01
N ARG A 306 31.95 1.65 5.95
CA ARG A 306 32.02 1.23 7.35
C ARG A 306 31.46 -0.20 7.51
N PHE A 307 30.77 -0.67 6.48
CA PHE A 307 30.21 -2.03 6.63
C PHE A 307 31.06 -3.12 6.01
N SER A 308 32.21 -2.76 5.46
CA SER A 308 32.93 -3.71 4.59
C SER A 308 33.43 -4.93 5.35
N GLU A 309 33.61 -4.85 6.66
CA GLU A 309 34.13 -5.94 7.49
C GLU A 309 33.25 -6.17 8.72
N ASP A 310 31.97 -5.73 8.63
CA ASP A 310 31.00 -5.82 9.72
C ASP A 310 30.28 -7.15 9.65
N LEU A 311 30.55 -8.03 10.62
CA LEU A 311 30.01 -9.38 10.58
C LEU A 311 28.61 -9.47 11.16
N LYS A 312 28.06 -8.41 11.71
CA LYS A 312 26.71 -8.45 12.24
C LYS A 312 25.66 -8.55 11.13
N PRO A 313 24.47 -9.04 11.44
CA PRO A 313 23.39 -9.04 10.44
C PRO A 313 22.86 -7.63 10.19
N LEU A 314 22.10 -7.40 9.11
CA LEU A 314 21.55 -6.07 8.84
C LEU A 314 20.91 -5.48 10.08
N ASP A 315 20.08 -6.20 10.80
CA ASP A 315 19.51 -5.70 12.05
C ASP A 315 19.66 -6.76 13.14
N SER A 316 19.89 -6.29 14.36
CA SER A 316 20.26 -7.15 15.48
C SER A 316 19.17 -8.03 15.99
N GLU A 317 17.91 -7.60 15.80
CA GLU A 317 16.80 -8.37 16.33
C GLU A 317 15.95 -9.05 15.28
N CYS A 318 16.08 -8.63 14.03
CA CYS A 318 15.23 -9.09 12.94
C CYS A 318 15.22 -10.60 12.80
N HIS A 319 14.02 -11.16 12.63
CA HIS A 319 13.87 -12.60 12.50
C HIS A 319 13.98 -13.12 11.07
N CYS A 320 14.26 -12.27 10.09
CA CYS A 320 14.20 -12.77 8.70
C CYS A 320 15.34 -13.72 8.39
N ALA A 321 15.19 -14.47 7.31
CA ALA A 321 16.15 -15.48 6.86
C ALA A 321 17.48 -14.83 6.51
N VAL A 322 17.43 -13.59 6.02
CA VAL A 322 18.64 -12.88 5.60
C VAL A 322 19.49 -12.61 6.85
N CYS A 323 18.86 -12.12 7.91
CA CYS A 323 19.60 -11.79 9.14
C CYS A 323 20.03 -13.03 9.90
N GLN A 324 19.39 -14.17 9.60
CA GLN A 324 19.85 -15.40 10.25
C GLN A 324 21.12 -15.90 9.57
N LYS A 325 21.36 -15.59 8.31
CA LYS A 325 22.40 -16.30 7.56
CA LYS A 325 22.36 -16.29 7.50
C LYS A 325 23.53 -15.45 7.01
N TRP A 326 23.33 -14.16 6.71
CA TRP A 326 24.39 -13.40 6.06
C TRP A 326 24.74 -12.13 6.82
N SER A 327 25.99 -11.73 6.69
CA SER A 327 26.50 -10.49 7.31
C SER A 327 26.31 -9.24 6.46
N ARG A 328 26.31 -8.11 7.16
CA ARG A 328 26.44 -6.80 6.52
C ARG A 328 27.59 -6.75 5.54
N ALA A 329 28.73 -7.32 5.90
CA ALA A 329 29.88 -7.29 5.03
C ALA A 329 29.66 -8.00 3.71
N TYR A 330 29.01 -9.16 3.75
CA TYR A 330 28.66 -9.85 2.49
C TYR A 330 27.67 -9.03 1.65
N ILE A 331 26.62 -8.50 2.29
CA ILE A 331 25.61 -7.78 1.51
C ILE A 331 26.21 -6.49 0.97
N HIS A 332 27.06 -5.84 1.74
CA HIS A 332 27.84 -4.70 1.27
C HIS A 332 28.59 -5.05 0.00
N HIS A 333 29.30 -6.16 -0.02
CA HIS A 333 30.02 -6.63 -1.20
C HIS A 333 29.10 -6.84 -2.37
N LEU A 334 27.98 -7.52 -2.15
CA LEU A 334 27.09 -7.84 -3.27
CA LEU A 334 27.06 -7.83 -3.24
C LEU A 334 26.49 -6.60 -3.91
N ILE A 335 26.03 -5.65 -3.10
CA ILE A 335 25.47 -4.42 -3.65
C ILE A 335 26.56 -3.60 -4.33
N ARG A 336 27.75 -3.46 -3.78
CA ARG A 336 28.84 -2.76 -4.43
C ARG A 336 29.18 -3.39 -5.77
N ALA A 337 29.07 -4.72 -5.81
CA ALA A 337 29.38 -5.44 -7.05
C ALA A 337 28.24 -5.47 -8.08
N GLY A 338 27.07 -4.98 -7.75
CA GLY A 338 25.87 -5.00 -8.54
C GLY A 338 25.31 -6.40 -8.77
N GLU A 339 25.52 -7.26 -7.80
CA GLU A 339 25.06 -8.65 -7.93
C GLU A 339 23.58 -8.77 -7.61
N ILE A 340 22.88 -9.57 -8.42
CA ILE A 340 21.44 -9.77 -8.20
C ILE A 340 21.12 -10.31 -6.83
N LEU A 341 21.92 -11.21 -6.23
CA LEU A 341 21.67 -11.74 -4.90
C LEU A 341 21.62 -10.59 -3.90
N GLY A 342 22.39 -9.51 -4.15
CA GLY A 342 22.31 -8.36 -3.26
C GLY A 342 20.93 -7.72 -3.20
N ALA A 343 20.33 -7.54 -4.35
CA ALA A 343 18.98 -6.99 -4.39
C ALA A 343 17.98 -7.94 -3.76
N MET A 344 18.09 -9.24 -4.02
CA MET A 344 17.27 -10.27 -3.42
C MET A 344 17.31 -10.19 -1.90
N LEU A 345 18.51 -10.17 -1.30
CA LEU A 345 18.66 -10.22 0.15
C LEU A 345 18.21 -8.92 0.79
N MET A 346 18.56 -7.79 0.19
CA MET A 346 18.13 -6.51 0.74
C MET A 346 16.59 -6.40 0.69
N THR A 347 15.99 -6.84 -0.40
CA THR A 347 14.53 -6.71 -0.51
C THR A 347 13.82 -7.64 0.44
N GLU A 348 14.26 -8.86 0.64
CA GLU A 348 13.65 -9.77 1.56
C GLU A 348 13.74 -9.19 2.97
N HIS A 349 14.90 -8.68 3.36
CA HIS A 349 15.05 -8.12 4.71
C HIS A 349 14.08 -6.94 4.84
N ASN A 350 14.07 -6.03 3.88
CA ASN A 350 13.28 -4.80 4.08
C ASN A 350 11.79 -5.12 4.16
N ILE A 351 11.32 -6.04 3.32
CA ILE A 351 9.91 -6.35 3.40
C ILE A 351 9.63 -7.08 4.71
N ALA A 352 10.53 -7.95 5.18
CA ALA A 352 10.37 -8.59 6.47
C ALA A 352 10.35 -7.59 7.61
N PHE A 353 11.22 -6.60 7.55
CA PHE A 353 11.25 -5.56 8.56
C PHE A 353 9.88 -4.88 8.63
N TYR A 354 9.35 -4.46 7.50
CA TYR A 354 8.04 -3.82 7.44
C TYR A 354 6.99 -4.73 8.03
N GLN A 355 7.00 -6.02 7.72
CA GLN A 355 5.98 -6.91 8.26
C GLN A 355 6.12 -7.08 9.78
N GLN A 356 7.36 -7.13 10.26
CA GLN A 356 7.60 -7.17 11.70
C GLN A 356 7.11 -5.89 12.39
N LEU A 357 7.31 -4.74 11.75
CA LEU A 357 6.72 -3.51 12.26
C LEU A 357 5.22 -3.60 12.36
N MET A 358 4.58 -4.05 11.30
CA MET A 358 3.13 -4.17 11.37
C MET A 358 2.67 -5.12 12.46
N GLN A 359 3.41 -6.22 12.69
CA GLN A 359 3.07 -7.16 13.72
C GLN A 359 3.20 -6.54 15.12
N LYS A 360 4.25 -5.75 15.31
CA LYS A 360 4.44 -5.11 16.62
C LYS A 360 3.31 -4.09 16.80
N ILE A 361 2.90 -3.43 15.74
CA ILE A 361 1.81 -2.46 15.88
C ILE A 361 0.54 -3.17 16.23
N ARG A 362 0.18 -4.25 15.53
CA ARG A 362 -1.02 -5.03 15.83
C ARG A 362 -1.02 -5.53 17.25
N ASP A 363 0.10 -6.11 17.69
CA ASP A 363 0.10 -6.75 19.02
C ASP A 363 0.01 -5.65 20.08
N SER A 364 0.63 -4.51 19.87
CA SER A 364 0.63 -3.43 20.83
C SER A 364 -0.78 -2.83 20.89
N ILE A 365 -1.51 -2.63 19.80
CA ILE A 365 -2.90 -2.18 19.94
C ILE A 365 -3.74 -3.20 20.69
N SER A 366 -3.58 -4.49 20.34
CA SER A 366 -4.36 -5.54 20.96
C SER A 366 -4.11 -5.60 22.48
N GLU A 367 -2.96 -5.17 22.91
CA GLU A 367 -2.59 -5.20 24.34
C GLU A 367 -2.72 -3.84 24.99
N GLY A 368 -3.28 -2.85 24.27
CA GLY A 368 -3.49 -1.52 24.82
C GLY A 368 -2.26 -0.77 25.21
N ARG A 369 -1.15 -0.95 24.50
CA ARG A 369 0.14 -0.35 24.77
C ARG A 369 0.80 0.19 23.48
N PHE A 370 -0.09 0.56 22.53
CA PHE A 370 0.45 1.13 21.28
C PHE A 370 1.08 2.49 21.44
N SER A 371 0.46 3.35 22.27
CA SER A 371 1.09 4.67 22.41
C SER A 371 2.47 4.56 23.00
N GLN A 372 2.68 3.66 23.96
CA GLN A 372 4.00 3.38 24.46
C GLN A 372 4.91 2.82 23.35
N PHE A 373 4.42 1.85 22.58
CA PHE A 373 5.23 1.35 21.49
C PHE A 373 5.68 2.46 20.56
N ALA A 374 4.82 3.35 20.14
CA ALA A 374 5.10 4.43 19.19
C ALA A 374 6.21 5.30 19.76
N GLN A 375 6.07 5.70 21.03
CA GLN A 375 7.12 6.49 21.64
C GLN A 375 8.47 5.77 21.70
N ASP A 376 8.42 4.49 22.12
CA ASP A 376 9.66 3.73 22.19
C ASP A 376 10.29 3.56 20.81
N PHE A 377 9.44 3.24 19.82
CA PHE A 377 9.95 3.05 18.47
C PHE A 377 10.70 4.30 18.03
N ARG A 378 10.07 5.46 18.22
CA ARG A 378 10.63 6.69 17.71
C ARG A 378 11.95 7.06 18.40
N ALA A 379 11.96 6.92 19.71
CA ALA A 379 13.17 7.24 20.45
C ALA A 379 14.37 6.47 19.90
N ARG A 380 14.16 5.18 19.64
CA ARG A 380 15.29 4.39 19.20
C ARG A 380 15.59 4.56 17.72
N TYR A 381 14.55 4.66 16.91
CA TYR A 381 14.71 4.74 15.46
C TYR A 381 15.43 6.04 15.10
N PHE A 382 15.18 7.11 15.85
CA PHE A 382 15.80 8.40 15.64
C PHE A 382 16.90 8.75 16.63
N ALA A 383 17.35 7.80 17.41
CA ALA A 383 18.43 7.93 18.36
C ALA A 383 19.72 8.35 17.67
ZN ZN B . 16.40 -9.16 8.46
C2 AFQ C . -4.16 8.80 -5.09
O16 AFQ C . -4.51 9.87 -4.61
N3 AFQ C . -4.92 8.06 -5.95
C4 AFQ C . -4.44 6.84 -6.35
N17 AFQ C . -5.27 6.10 -7.13
N5 AFQ C . -3.27 6.42 -6.08
C6 AFQ C . -2.35 7.10 -5.31
C10 AFQ C . -1.07 6.56 -5.09
C18 AFQ C . -0.60 5.17 -5.44
C19 AFQ C . -0.55 4.16 -4.25
N20 AFQ C . 0.38 3.07 -4.70
C21 AFQ C . -0.04 2.29 -5.91
C22 AFQ C . 1.18 1.45 -6.39
C26 AFQ C . 2.24 2.30 -7.14
C25 AFQ C . 2.93 1.29 -8.09
C24 AFQ C . 1.77 0.32 -8.54
C23 AFQ C . 0.73 0.37 -7.41
C9 AFQ C . -0.23 7.36 -4.30
N11 AFQ C . 1.07 7.28 -3.92
C12 AFQ C . 1.40 8.26 -3.18
N14 AFQ C . 2.54 8.59 -2.55
C15 AFQ C . 3.75 7.81 -2.52
N13 AFQ C . 0.39 9.13 -3.04
C8 AFQ C . -0.66 8.56 -3.80
C7 AFQ C . -1.93 9.11 -3.97
C1 AFQ C . -2.78 8.32 -4.76
C1 GOL D . 2.86 -17.92 -2.25
O1 GOL D . 3.30 -18.51 -3.49
C2 GOL D . 1.37 -18.16 -2.16
O2 GOL D . 0.74 -18.04 -3.44
C3 GOL D . 0.72 -17.25 -1.11
O3 GOL D . -0.14 -18.08 -0.30
C1 GOL E . -25.31 -6.31 -14.66
O1 GOL E . -25.91 -5.48 -13.65
C2 GOL E . -25.00 -7.71 -14.10
O2 GOL E . -23.95 -7.61 -13.13
C3 GOL E . -26.27 -8.27 -13.43
O3 GOL E . -27.40 -8.06 -14.29
#